data_1TGZ
#
_entry.id   1TGZ
#
_cell.length_a   111.163
_cell.length_b   111.163
_cell.length_c   143.106
_cell.angle_alpha   90.00
_cell.angle_beta   90.00
_cell.angle_gamma   120.00
#
_symmetry.space_group_name_H-M   'P 65 2 2'
#
loop_
_entity.id
_entity.type
_entity.pdbx_description
1 polymer 'Sentrin-specific protease 2'
2 polymer 'Ubiquitin-like protein SMT3C'
3 non-polymer 'SULFATE ION'
4 water water
#
loop_
_entity_poly.entity_id
_entity_poly.type
_entity_poly.pdbx_seq_one_letter_code
_entity_poly.pdbx_strand_id
1 'polypeptide(L)'
;DLLELTEDMEKEISNALGHGPQDEILSSAFKLRITRGDIQTLKNYHWLNDEVINFYMNLLVERNKKQGYPALHVFSTFFY
PKLKSGGYQAVKRWTKGVNLFEQEIILVPIHRKVHWSLVVIDLRKKCLKYLDSMGQKGHRICEILLQYLQDESKTKRNSD
LNLLEWTHHSMKPHEIPQQLNGSDCGMFTCKYADYISRDKPITFTQHQMPLFRKKMVWEILHQQLL
;
A
2 'polypeptide(L)' EGEYIKLKVIGQDSSEIHFKVKMTTHLKKLKESYCQRQGVPMNSLRFLFEGQRIADNHTPKELGMEEEDVIEVYQEQTGG B
#
loop_
_chem_comp.id
_chem_comp.type
_chem_comp.name
_chem_comp.formula
SO4 non-polymer 'SULFATE ION' 'O4 S -2'
#
# COMPACT_ATOMS: atom_id res chain seq x y z
N LEU A 3 2.93 29.80 -10.56
CA LEU A 3 1.48 29.44 -10.63
C LEU A 3 1.26 28.32 -11.66
N GLU A 4 1.43 27.08 -11.23
CA GLU A 4 1.27 25.94 -12.14
C GLU A 4 0.01 25.08 -12.00
N LEU A 5 -0.87 25.41 -11.07
CA LEU A 5 -2.11 24.64 -10.89
C LEU A 5 -3.31 25.41 -11.45
N THR A 6 -3.92 24.86 -12.50
CA THR A 6 -5.07 25.51 -13.15
C THR A 6 -6.18 25.95 -12.20
N GLU A 7 -6.74 27.13 -12.52
CA GLU A 7 -7.82 27.74 -11.75
C GLU A 7 -8.96 26.75 -11.54
N ASP A 8 -9.22 25.94 -12.56
CA ASP A 8 -10.29 24.94 -12.53
C ASP A 8 -9.92 23.77 -11.62
N MET A 9 -8.75 23.18 -11.89
CA MET A 9 -8.27 22.05 -11.11
C MET A 9 -8.37 22.39 -9.63
N GLU A 10 -7.96 23.61 -9.32
CA GLU A 10 -7.98 24.15 -7.97
C GLU A 10 -9.34 23.90 -7.32
N LYS A 11 -10.40 24.20 -8.07
CA LYS A 11 -11.77 24.03 -7.61
C LYS A 11 -12.05 22.57 -7.35
N GLU A 12 -11.73 21.74 -8.34
CA GLU A 12 -11.93 20.31 -8.26
C GLU A 12 -11.25 19.79 -6.98
N ILE A 13 -9.97 20.11 -6.82
CA ILE A 13 -9.22 19.70 -5.65
C ILE A 13 -9.91 20.21 -4.41
N SER A 14 -10.42 21.43 -4.51
CA SER A 14 -11.11 22.06 -3.41
C SER A 14 -12.34 21.27 -2.97
N ASN A 15 -13.15 20.85 -3.94
CA ASN A 15 -14.37 20.09 -3.65
C ASN A 15 -14.13 18.76 -2.97
N ALA A 16 -13.12 18.04 -3.46
CA ALA A 16 -12.79 16.75 -2.88
C ALA A 16 -12.46 16.94 -1.40
N LEU A 17 -11.72 17.99 -1.10
CA LEU A 17 -11.31 18.26 0.26
C LEU A 17 -12.39 18.94 1.12
N GLY A 18 -13.28 19.69 0.47
CA GLY A 18 -14.35 20.37 1.19
C GLY A 18 -15.27 19.44 1.95
N HIS A 19 -16.40 19.98 2.40
CA HIS A 19 -17.39 19.21 3.13
C HIS A 19 -18.22 18.36 2.16
N GLY A 20 -18.73 17.25 2.67
CA GLY A 20 -19.51 16.35 1.84
C GLY A 20 -19.54 15.05 2.61
N PRO A 21 -20.31 14.04 2.17
CA PRO A 21 -20.36 12.77 2.89
C PRO A 21 -18.98 12.12 2.94
N GLN A 22 -18.53 11.81 4.17
CA GLN A 22 -17.23 11.20 4.38
C GLN A 22 -17.07 9.96 3.53
N ASP A 23 -18.09 9.13 3.53
CA ASP A 23 -18.06 7.88 2.79
C ASP A 23 -18.25 7.98 1.30
N GLU A 24 -18.56 9.16 0.78
CA GLU A 24 -18.75 9.29 -0.65
C GLU A 24 -17.52 8.82 -1.44
N ILE A 25 -17.72 7.91 -2.38
CA ILE A 25 -16.63 7.40 -3.20
C ILE A 25 -16.25 8.45 -4.23
N LEU A 26 -14.95 8.61 -4.46
CA LEU A 26 -14.48 9.62 -5.39
C LEU A 26 -13.55 9.10 -6.46
N SER A 27 -13.08 7.88 -6.30
CA SER A 27 -12.17 7.33 -7.29
C SER A 27 -12.06 5.83 -7.08
N SER A 28 -12.27 5.06 -8.15
CA SER A 28 -12.21 3.61 -8.06
C SER A 28 -11.20 2.99 -9.02
N ALA A 29 -10.37 2.10 -8.50
CA ALA A 29 -9.35 1.46 -9.32
C ALA A 29 -8.54 0.50 -8.46
N PHE A 30 -7.86 -0.45 -9.09
CA PHE A 30 -7.07 -1.43 -8.36
C PHE A 30 -7.85 -2.00 -7.17
N LYS A 31 -9.16 -2.16 -7.35
CA LYS A 31 -10.05 -2.68 -6.31
C LYS A 31 -10.09 -1.80 -5.08
N LEU A 32 -9.88 -0.51 -5.28
CA LEU A 32 -9.91 0.43 -4.18
C LEU A 32 -10.95 1.50 -4.46
N ARG A 33 -11.65 1.93 -3.41
CA ARG A 33 -12.67 2.98 -3.53
C ARG A 33 -12.23 4.13 -2.64
N ILE A 34 -11.65 5.16 -3.23
CA ILE A 34 -11.20 6.31 -2.45
C ILE A 34 -12.37 7.19 -2.09
N THR A 35 -12.65 7.31 -0.80
CA THR A 35 -13.76 8.11 -0.33
C THR A 35 -13.31 9.51 0.06
N ARG A 36 -14.29 10.42 0.16
CA ARG A 36 -14.00 11.80 0.54
C ARG A 36 -13.23 11.73 1.86
N GLY A 37 -13.61 10.78 2.69
CA GLY A 37 -12.95 10.61 3.98
C GLY A 37 -11.48 10.29 3.84
N ASP A 38 -11.12 9.50 2.84
CA ASP A 38 -9.72 9.14 2.62
C ASP A 38 -8.95 10.32 2.10
N ILE A 39 -9.46 10.91 1.03
CA ILE A 39 -8.83 12.06 0.41
C ILE A 39 -8.52 13.13 1.45
N GLN A 40 -9.36 13.19 2.47
CA GLN A 40 -9.18 14.15 3.56
C GLN A 40 -7.77 14.07 4.12
N THR A 41 -7.26 12.86 4.29
CA THR A 41 -5.92 12.69 4.85
C THR A 41 -4.87 13.55 4.13
N LEU A 42 -5.19 14.04 2.94
CA LEU A 42 -4.26 14.87 2.19
C LEU A 42 -4.30 16.35 2.58
N LYS A 43 -5.23 16.71 3.46
CA LYS A 43 -5.34 18.09 3.90
C LYS A 43 -4.04 18.41 4.60
N ASN A 44 -3.68 19.69 4.62
CA ASN A 44 -2.46 20.11 5.27
C ASN A 44 -2.33 19.57 6.68
N TYR A 45 -1.12 19.17 7.04
CA TYR A 45 -0.82 18.65 8.36
C TYR A 45 -1.54 17.35 8.67
N HIS A 46 -2.28 16.83 7.70
CA HIS A 46 -2.98 15.58 7.91
C HIS A 46 -2.14 14.34 7.59
N TRP A 47 -2.28 13.33 8.44
CA TRP A 47 -1.56 12.08 8.28
C TRP A 47 -2.19 11.26 7.16
N LEU A 48 -1.39 10.79 6.21
CA LEU A 48 -1.96 10.00 5.13
C LEU A 48 -2.27 8.62 5.68
N ASN A 49 -3.30 7.99 5.12
CA ASN A 49 -3.68 6.66 5.53
C ASN A 49 -3.39 5.70 4.38
N ASP A 50 -3.50 4.41 4.68
CA ASP A 50 -3.24 3.34 3.71
C ASP A 50 -4.02 3.45 2.40
N GLU A 51 -5.28 3.84 2.44
CA GLU A 51 -6.05 3.96 1.22
C GLU A 51 -5.33 4.84 0.19
N VAL A 52 -4.95 6.04 0.62
CA VAL A 52 -4.25 6.98 -0.25
C VAL A 52 -2.94 6.40 -0.78
N ILE A 53 -2.09 5.95 0.14
CA ILE A 53 -0.81 5.40 -0.24
C ILE A 53 -0.89 4.22 -1.21
N ASN A 54 -1.61 3.16 -0.82
CA ASN A 54 -1.74 2.00 -1.71
C ASN A 54 -2.22 2.43 -3.08
N PHE A 55 -3.16 3.35 -3.11
CA PHE A 55 -3.69 3.84 -4.37
C PHE A 55 -2.60 4.58 -5.18
N TYR A 56 -1.89 5.48 -4.52
CA TYR A 56 -0.86 6.23 -5.21
C TYR A 56 0.18 5.25 -5.73
N MET A 57 0.55 4.32 -4.85
CA MET A 57 1.54 3.31 -5.18
C MET A 57 1.18 2.57 -6.46
N ASN A 58 -0.12 2.44 -6.71
CA ASN A 58 -0.59 1.76 -7.91
C ASN A 58 -0.56 2.64 -9.14
N LEU A 59 -0.86 3.91 -8.96
CA LEU A 59 -0.84 4.85 -10.07
C LEU A 59 0.58 4.92 -10.61
N LEU A 60 1.54 4.72 -9.70
CA LEU A 60 2.93 4.77 -10.09
C LEU A 60 3.25 3.65 -11.06
N VAL A 61 2.73 2.47 -10.77
CA VAL A 61 2.99 1.32 -11.63
C VAL A 61 2.40 1.57 -13.00
N GLU A 62 1.18 2.09 -13.03
CA GLU A 62 0.54 2.35 -14.30
C GLU A 62 1.29 3.42 -15.06
N ARG A 63 1.74 4.44 -14.33
CA ARG A 63 2.50 5.52 -14.95
C ARG A 63 3.74 4.89 -15.59
N ASN A 64 4.57 4.25 -14.78
CA ASN A 64 5.75 3.60 -15.29
C ASN A 64 5.44 2.74 -16.51
N LYS A 65 4.33 2.02 -16.44
CA LYS A 65 3.93 1.14 -17.54
C LYS A 65 3.64 1.90 -18.84
N LYS A 66 2.84 2.95 -18.75
CA LYS A 66 2.53 3.69 -19.96
C LYS A 66 3.60 4.71 -20.34
N GLN A 67 4.66 4.82 -19.56
CA GLN A 67 5.72 5.77 -19.86
C GLN A 67 7.01 5.11 -20.30
N GLY A 68 7.15 3.81 -20.02
CA GLY A 68 8.36 3.11 -20.39
C GLY A 68 9.42 3.10 -19.32
N TYR A 69 9.04 3.40 -18.08
CA TYR A 69 10.01 3.40 -16.99
C TYR A 69 10.12 1.95 -16.51
N PRO A 70 11.15 1.63 -15.70
CA PRO A 70 11.34 0.27 -15.18
C PRO A 70 10.06 -0.45 -14.73
N ALA A 71 10.06 -1.77 -14.94
CA ALA A 71 8.94 -2.61 -14.55
C ALA A 71 8.84 -2.48 -13.03
N LEU A 72 7.78 -1.83 -12.60
CA LEU A 72 7.57 -1.58 -11.20
C LEU A 72 6.54 -2.48 -10.57
N HIS A 73 6.87 -3.09 -9.43
CA HIS A 73 5.91 -3.90 -8.71
C HIS A 73 5.78 -3.31 -7.31
N VAL A 74 4.55 -3.28 -6.80
CA VAL A 74 4.31 -2.69 -5.50
C VAL A 74 3.61 -3.56 -4.48
N PHE A 75 4.12 -3.55 -3.25
CA PHE A 75 3.49 -4.33 -2.19
C PHE A 75 2.50 -3.46 -1.43
N SER A 76 1.48 -4.09 -0.87
CA SER A 76 0.46 -3.40 -0.10
C SER A 76 1.01 -2.94 1.22
N THR A 77 0.48 -1.84 1.74
CA THR A 77 0.92 -1.33 3.03
C THR A 77 0.77 -2.39 4.12
N PHE A 78 -0.03 -3.41 3.87
CA PHE A 78 -0.23 -4.46 4.85
C PHE A 78 0.82 -5.55 4.75
N PHE A 79 1.54 -5.59 3.64
CA PHE A 79 2.54 -6.62 3.46
C PHE A 79 3.59 -6.74 4.58
N TYR A 80 4.48 -5.75 4.70
CA TYR A 80 5.53 -5.81 5.70
C TYR A 80 5.10 -6.21 7.10
N PRO A 81 4.08 -5.50 7.65
CA PRO A 81 3.57 -5.80 9.00
C PRO A 81 3.24 -7.29 9.14
N LYS A 82 2.42 -7.79 8.23
CA LYS A 82 2.05 -9.19 8.25
C LYS A 82 3.30 -10.08 8.20
N LEU A 83 4.18 -9.81 7.24
CA LEU A 83 5.40 -10.59 7.12
C LEU A 83 6.13 -10.58 8.46
N LYS A 84 6.30 -9.37 8.99
CA LYS A 84 6.97 -9.18 10.26
C LYS A 84 6.47 -10.12 11.33
N SER A 85 5.16 -10.15 11.53
CA SER A 85 4.62 -11.02 12.56
C SER A 85 4.63 -12.49 12.21
N GLY A 86 4.05 -12.86 11.07
CA GLY A 86 3.97 -14.27 10.69
C GLY A 86 5.01 -14.92 9.77
N GLY A 87 6.15 -14.27 9.54
CA GLY A 87 7.15 -14.86 8.68
C GLY A 87 6.67 -15.14 7.26
N TYR A 88 7.52 -15.80 6.47
CA TYR A 88 7.18 -16.12 5.09
C TYR A 88 5.83 -16.79 4.85
N GLN A 89 5.46 -17.73 5.71
CA GLN A 89 4.20 -18.45 5.55
C GLN A 89 2.96 -17.59 5.43
N ALA A 90 2.92 -16.54 6.25
CA ALA A 90 1.77 -15.63 6.29
C ALA A 90 1.51 -14.88 5.00
N VAL A 91 2.56 -14.64 4.23
CA VAL A 91 2.43 -13.89 2.99
C VAL A 91 2.74 -14.68 1.73
N LYS A 92 3.16 -15.93 1.90
CA LYS A 92 3.52 -16.82 0.81
C LYS A 92 2.60 -16.72 -0.43
N ARG A 93 1.28 -16.75 -0.22
CA ARG A 93 0.34 -16.67 -1.35
C ARG A 93 0.02 -15.23 -1.73
N TRP A 94 0.82 -14.28 -1.25
CA TRP A 94 0.57 -12.89 -1.57
C TRP A 94 1.06 -12.49 -2.96
N THR A 95 2.00 -13.25 -3.48
CA THR A 95 2.56 -12.97 -4.79
C THR A 95 2.35 -14.20 -5.67
N LYS A 96 1.14 -14.73 -5.65
CA LYS A 96 0.89 -15.93 -6.41
C LYS A 96 0.86 -15.74 -7.92
N GLY A 97 0.16 -14.72 -8.38
CA GLY A 97 0.11 -14.52 -9.82
C GLY A 97 1.32 -13.83 -10.38
N VAL A 98 2.45 -13.86 -9.69
CA VAL A 98 3.60 -13.14 -10.23
C VAL A 98 5.00 -13.54 -9.80
N ASN A 99 5.95 -13.24 -10.68
CA ASN A 99 7.36 -13.52 -10.42
C ASN A 99 8.11 -12.26 -10.02
N LEU A 100 8.34 -12.11 -8.72
CA LEU A 100 9.04 -10.93 -8.23
C LEU A 100 10.34 -10.64 -8.95
N PHE A 101 11.14 -11.68 -9.13
CA PHE A 101 12.45 -11.51 -9.76
C PHE A 101 12.46 -11.14 -11.23
N GLU A 102 11.31 -11.21 -11.89
CA GLU A 102 11.26 -10.81 -13.27
C GLU A 102 10.98 -9.30 -13.30
N GLN A 103 10.69 -8.74 -12.13
CA GLN A 103 10.43 -7.30 -12.02
C GLN A 103 11.77 -6.58 -12.06
N GLU A 104 11.74 -5.24 -11.97
CA GLU A 104 12.98 -4.45 -11.99
C GLU A 104 13.13 -3.67 -10.70
N ILE A 105 12.04 -3.10 -10.23
CA ILE A 105 12.04 -2.33 -9.01
C ILE A 105 10.84 -2.69 -8.16
N ILE A 106 11.09 -3.01 -6.89
CA ILE A 106 10.02 -3.37 -6.00
C ILE A 106 9.89 -2.36 -4.88
N LEU A 107 8.69 -1.82 -4.74
CA LEU A 107 8.42 -0.83 -3.71
C LEU A 107 7.67 -1.48 -2.55
N VAL A 108 8.17 -1.28 -1.35
CA VAL A 108 7.54 -1.84 -0.17
C VAL A 108 7.28 -0.73 0.85
N PRO A 109 6.00 -0.31 0.97
CA PRO A 109 5.61 0.74 1.91
C PRO A 109 5.77 0.20 3.31
N ILE A 110 6.41 0.96 4.17
CA ILE A 110 6.62 0.48 5.52
C ILE A 110 5.88 1.25 6.57
N HIS A 111 4.97 0.57 7.26
CA HIS A 111 4.22 1.22 8.29
C HIS A 111 4.80 0.88 9.64
N ARG A 112 5.55 1.83 10.19
CA ARG A 112 6.14 1.66 11.51
C ARG A 112 5.12 2.35 12.41
N LYS A 113 5.20 2.09 13.70
CA LYS A 113 4.25 2.71 14.63
C LYS A 113 4.24 4.20 14.30
N VAL A 114 3.05 4.77 14.19
CA VAL A 114 2.86 6.21 13.91
C VAL A 114 3.57 6.92 12.76
N HIS A 115 4.26 6.21 11.87
CA HIS A 115 4.90 6.92 10.77
C HIS A 115 5.34 6.08 9.57
N TRP A 116 5.10 6.63 8.37
CA TRP A 116 5.42 5.96 7.11
C TRP A 116 6.87 6.04 6.68
N SER A 117 7.33 4.95 6.09
CA SER A 117 8.69 4.83 5.65
C SER A 117 8.64 4.04 4.35
N LEU A 118 9.76 3.96 3.66
CA LEU A 118 9.77 3.22 2.41
C LEU A 118 11.03 2.39 2.20
N VAL A 119 10.88 1.27 1.51
CA VAL A 119 12.01 0.41 1.18
C VAL A 119 11.91 0.13 -0.29
N VAL A 120 13.03 0.32 -0.98
CA VAL A 120 13.08 0.07 -2.41
C VAL A 120 13.98 -1.12 -2.71
N ILE A 121 13.48 -2.09 -3.45
CA ILE A 121 14.29 -3.22 -3.79
C ILE A 121 14.60 -3.09 -5.26
N ASP A 122 15.89 -3.02 -5.60
CA ASP A 122 16.28 -2.90 -6.99
C ASP A 122 16.89 -4.19 -7.49
N LEU A 123 16.08 -5.03 -8.13
CA LEU A 123 16.54 -6.31 -8.65
C LEU A 123 17.73 -6.14 -9.57
N ARG A 124 17.70 -5.04 -10.33
CA ARG A 124 18.74 -4.70 -11.29
C ARG A 124 20.12 -4.62 -10.67
N LYS A 125 20.19 -4.09 -9.46
CA LYS A 125 21.46 -3.95 -8.77
C LYS A 125 21.60 -4.76 -7.48
N LYS A 126 20.73 -5.76 -7.32
CA LYS A 126 20.76 -6.64 -6.15
C LYS A 126 20.95 -5.79 -4.90
N CYS A 127 20.02 -4.89 -4.64
CA CYS A 127 20.18 -4.01 -3.50
C CYS A 127 18.89 -3.55 -2.85
N LEU A 128 18.90 -3.49 -1.53
CA LEU A 128 17.74 -3.01 -0.80
C LEU A 128 18.08 -1.66 -0.20
N LYS A 129 17.21 -0.69 -0.44
CA LYS A 129 17.42 0.65 0.07
C LYS A 129 16.29 1.10 0.97
N TYR A 130 16.64 1.58 2.17
CA TYR A 130 15.65 2.06 3.12
C TYR A 130 15.67 3.60 3.23
N LEU A 131 14.57 4.24 2.90
CA LEU A 131 14.51 5.70 2.99
C LEU A 131 13.51 6.09 4.07
N ASP A 132 13.86 7.09 4.86
CA ASP A 132 13.00 7.56 5.93
C ASP A 132 13.16 9.06 6.11
N SER A 133 12.08 9.82 5.94
CA SER A 133 12.16 11.27 6.07
C SER A 133 12.28 11.78 7.50
N MET A 134 12.43 10.87 8.45
CA MET A 134 12.60 11.26 9.83
C MET A 134 13.88 10.63 10.34
N GLY A 135 14.79 10.42 9.40
CA GLY A 135 16.10 9.87 9.68
C GLY A 135 16.22 8.63 10.55
N GLN A 136 15.38 7.64 10.32
CA GLN A 136 15.43 6.40 11.09
C GLN A 136 16.38 5.42 10.40
N LYS A 137 16.51 4.21 10.96
CA LYS A 137 17.37 3.19 10.38
C LYS A 137 16.52 1.98 9.98
N GLY A 138 16.90 1.34 8.88
CA GLY A 138 16.14 0.20 8.42
C GLY A 138 16.90 -1.08 8.63
N HIS A 139 17.90 -1.01 9.51
CA HIS A 139 18.72 -2.17 9.83
C HIS A 139 17.91 -3.46 9.78
N ARG A 140 17.18 -3.75 10.86
CA ARG A 140 16.39 -4.99 10.92
C ARG A 140 15.43 -5.15 9.75
N ILE A 141 14.64 -4.11 9.48
CA ILE A 141 13.66 -4.14 8.39
C ILE A 141 14.22 -4.70 7.09
N CYS A 142 15.39 -4.22 6.70
CA CYS A 142 16.01 -4.69 5.47
C CYS A 142 16.30 -6.17 5.55
N GLU A 143 16.82 -6.61 6.69
CA GLU A 143 17.13 -8.02 6.86
C GLU A 143 15.88 -8.87 6.65
N ILE A 144 14.82 -8.55 7.38
CA ILE A 144 13.57 -9.29 7.26
C ILE A 144 13.14 -9.37 5.79
N LEU A 145 13.17 -8.25 5.08
CA LEU A 145 12.78 -8.28 3.69
C LEU A 145 13.69 -9.15 2.83
N LEU A 146 15.00 -8.97 2.97
CA LEU A 146 15.94 -9.76 2.21
C LEU A 146 15.63 -11.23 2.47
N GLN A 147 15.47 -11.57 3.75
CA GLN A 147 15.15 -12.93 4.14
C GLN A 147 13.93 -13.36 3.34
N TYR A 148 12.91 -12.50 3.33
CA TYR A 148 11.71 -12.81 2.57
C TYR A 148 12.09 -13.23 1.16
N LEU A 149 12.96 -12.47 0.52
CA LEU A 149 13.38 -12.76 -0.84
C LEU A 149 14.02 -14.13 -0.94
N GLN A 150 14.89 -14.45 -0.01
CA GLN A 150 15.55 -15.75 -0.01
C GLN A 150 14.50 -16.85 -0.06
N ASP A 151 13.46 -16.71 0.76
CA ASP A 151 12.40 -17.71 0.80
C ASP A 151 11.62 -17.76 -0.51
N GLU A 152 11.07 -16.62 -0.94
CA GLU A 152 10.31 -16.57 -2.18
C GLU A 152 11.07 -17.17 -3.35
N SER A 153 12.38 -16.94 -3.41
CA SER A 153 13.19 -17.49 -4.49
C SER A 153 13.28 -19.00 -4.39
N LYS A 154 13.74 -19.46 -3.22
CA LYS A 154 13.87 -20.88 -2.96
C LYS A 154 12.49 -21.54 -3.03
N THR A 155 11.44 -20.81 -2.70
CA THR A 155 10.12 -21.38 -2.75
C THR A 155 9.50 -21.35 -4.14
N LYS A 156 9.43 -20.17 -4.73
CA LYS A 156 8.82 -19.98 -6.05
C LYS A 156 9.62 -20.42 -7.26
N ARG A 157 10.94 -20.40 -7.18
CA ARG A 157 11.74 -20.83 -8.34
C ARG A 157 12.83 -21.83 -7.96
N ASN A 158 12.65 -22.42 -6.79
CA ASN A 158 13.58 -23.42 -6.27
C ASN A 158 15.03 -23.04 -6.51
N SER A 159 15.53 -22.06 -5.76
CA SER A 159 16.91 -21.64 -5.92
C SER A 159 17.28 -20.53 -4.94
N ASP A 160 18.45 -20.69 -4.33
CA ASP A 160 18.95 -19.73 -3.38
C ASP A 160 19.33 -18.46 -4.09
N LEU A 161 19.49 -17.40 -3.32
CA LEU A 161 19.88 -16.11 -3.83
C LEU A 161 21.34 -16.03 -3.49
N ASN A 162 22.17 -15.45 -4.35
CA ASN A 162 23.57 -15.32 -3.97
C ASN A 162 23.71 -14.12 -3.04
N LEU A 163 23.38 -14.35 -1.76
CA LEU A 163 23.42 -13.33 -0.71
C LEU A 163 24.70 -12.52 -0.65
N LEU A 164 25.74 -13.02 -1.28
CA LEU A 164 27.02 -12.33 -1.30
C LEU A 164 26.93 -11.09 -2.19
N GLU A 165 26.23 -11.21 -3.32
CA GLU A 165 26.10 -10.09 -4.23
C GLU A 165 24.99 -9.13 -3.86
N TRP A 166 24.37 -9.33 -2.69
CA TRP A 166 23.31 -8.43 -2.26
C TRP A 166 23.80 -7.49 -1.17
N THR A 167 23.26 -6.27 -1.15
CA THR A 167 23.61 -5.26 -0.15
C THR A 167 22.41 -4.38 0.21
N HIS A 168 22.49 -3.73 1.38
CA HIS A 168 21.42 -2.87 1.85
C HIS A 168 21.89 -1.66 2.62
N HIS A 169 21.81 -0.50 1.99
CA HIS A 169 22.20 0.76 2.62
C HIS A 169 20.96 1.48 3.16
N SER A 170 21.15 2.19 4.26
CA SER A 170 20.08 2.94 4.92
C SER A 170 20.38 4.42 4.72
N MET A 171 19.69 5.07 3.78
CA MET A 171 19.93 6.48 3.49
C MET A 171 19.99 7.29 4.77
N LYS A 172 21.09 8.01 4.95
CA LYS A 172 21.23 8.82 6.14
C LYS A 172 20.67 10.22 5.89
N PRO A 173 20.23 10.90 6.96
CA PRO A 173 19.66 12.25 6.91
C PRO A 173 20.25 13.24 5.91
N HIS A 174 21.58 13.23 5.76
CA HIS A 174 22.22 14.15 4.84
C HIS A 174 22.17 13.70 3.39
N GLU A 175 21.59 12.53 3.13
CA GLU A 175 21.54 12.03 1.77
C GLU A 175 20.22 12.33 1.05
N ILE A 176 19.12 12.31 1.79
CA ILE A 176 17.79 12.57 1.22
C ILE A 176 17.06 13.67 1.98
N PRO A 177 16.08 14.32 1.35
CA PRO A 177 15.37 15.38 2.06
C PRO A 177 14.60 14.84 3.28
N GLN A 178 14.67 15.58 4.37
CA GLN A 178 13.98 15.18 5.58
C GLN A 178 12.77 16.08 5.79
N GLN A 179 11.76 15.57 6.48
CA GLN A 179 10.55 16.35 6.72
C GLN A 179 10.81 17.34 7.85
N LEU A 180 10.17 18.50 7.78
CA LEU A 180 10.36 19.54 8.78
C LEU A 180 9.21 19.66 9.77
N ASN A 181 8.03 19.20 9.37
CA ASN A 181 6.85 19.21 10.22
C ASN A 181 6.55 17.73 10.44
N GLY A 182 5.90 17.39 11.55
CA GLY A 182 5.64 16.00 11.83
C GLY A 182 4.53 15.28 11.07
N SER A 183 4.05 15.84 9.97
CA SER A 183 2.96 15.19 9.24
C SER A 183 3.20 14.60 7.86
N ASP A 184 4.29 14.97 7.20
CA ASP A 184 4.48 14.49 5.84
C ASP A 184 5.17 13.16 5.52
N CYS A 185 5.50 12.37 6.53
CA CYS A 185 6.17 11.10 6.26
C CYS A 185 5.50 10.33 5.12
N GLY A 186 4.16 10.36 5.08
CA GLY A 186 3.43 9.67 4.03
C GLY A 186 3.75 10.27 2.67
N MET A 187 3.67 11.59 2.57
CA MET A 187 3.97 12.26 1.32
C MET A 187 5.41 12.00 0.89
N PHE A 188 6.31 11.97 1.86
CA PHE A 188 7.71 11.72 1.54
C PHE A 188 7.88 10.30 1.01
N THR A 189 7.24 9.34 1.70
CA THR A 189 7.32 7.97 1.27
C THR A 189 6.83 7.91 -0.16
N CYS A 190 5.71 8.59 -0.40
CA CYS A 190 5.13 8.60 -1.72
C CYS A 190 5.98 9.27 -2.77
N LYS A 191 6.60 10.39 -2.44
CA LYS A 191 7.42 11.08 -3.43
C LYS A 191 8.74 10.39 -3.66
N TYR A 192 9.33 9.85 -2.59
CA TYR A 192 10.57 9.10 -2.73
C TYR A 192 10.31 8.05 -3.81
N ALA A 193 9.22 7.31 -3.62
CA ALA A 193 8.84 6.26 -4.54
C ALA A 193 8.70 6.79 -5.95
N ASP A 194 7.94 7.86 -6.08
CA ASP A 194 7.72 8.45 -7.38
C ASP A 194 9.03 8.67 -8.12
N TYR A 195 9.96 9.31 -7.44
CA TYR A 195 11.26 9.62 -8.03
C TYR A 195 12.12 8.39 -8.30
N ILE A 196 12.26 7.55 -7.28
CA ILE A 196 13.07 6.36 -7.42
C ILE A 196 12.62 5.42 -8.53
N SER A 197 11.30 5.31 -8.71
CA SER A 197 10.76 4.44 -9.74
C SER A 197 11.05 4.93 -11.14
N ARG A 198 11.56 6.16 -11.25
CA ARG A 198 11.88 6.70 -12.55
C ARG A 198 13.38 6.87 -12.71
N ASP A 199 14.17 6.34 -11.79
CA ASP A 199 15.62 6.50 -11.88
C ASP A 199 15.93 7.99 -11.91
N LYS A 200 15.07 8.78 -11.28
CA LYS A 200 15.23 10.23 -11.20
C LYS A 200 15.87 10.57 -9.85
N PRO A 201 16.91 11.41 -9.85
CA PRO A 201 17.60 11.80 -8.61
C PRO A 201 16.73 12.74 -7.78
N ILE A 202 16.53 12.37 -6.51
CA ILE A 202 15.69 13.14 -5.62
C ILE A 202 16.18 14.57 -5.37
N THR A 203 15.42 15.54 -5.88
CA THR A 203 15.82 16.92 -5.74
C THR A 203 14.75 17.81 -5.15
N PHE A 204 13.71 17.21 -4.58
CA PHE A 204 12.66 18.00 -3.98
C PHE A 204 12.94 18.18 -2.48
N THR A 205 12.29 19.18 -1.89
CA THR A 205 12.45 19.44 -0.47
C THR A 205 11.12 19.51 0.24
N GLN A 206 11.20 19.58 1.56
CA GLN A 206 10.01 19.67 2.39
C GLN A 206 9.08 20.75 1.85
N HIS A 207 9.67 21.83 1.35
CA HIS A 207 8.92 22.94 0.85
C HIS A 207 7.94 22.66 -0.27
N GLN A 208 8.17 21.61 -1.05
CA GLN A 208 7.23 21.30 -2.14
C GLN A 208 6.06 20.45 -1.68
N MET A 209 6.26 19.71 -0.59
CA MET A 209 5.22 18.84 -0.05
C MET A 209 3.81 19.41 0.00
N PRO A 210 3.66 20.70 0.36
CA PRO A 210 2.31 21.28 0.43
C PRO A 210 1.58 21.25 -0.92
N LEU A 211 2.30 21.59 -1.98
CA LEU A 211 1.72 21.60 -3.32
C LEU A 211 1.54 20.14 -3.75
N PHE A 212 2.54 19.32 -3.46
CA PHE A 212 2.45 17.92 -3.80
C PHE A 212 1.14 17.36 -3.27
N ARG A 213 0.83 17.69 -2.01
CA ARG A 213 -0.39 17.21 -1.40
C ARG A 213 -1.57 17.52 -2.30
N LYS A 214 -1.69 18.77 -2.72
CA LYS A 214 -2.80 19.18 -3.58
C LYS A 214 -2.76 18.42 -4.89
N LYS A 215 -1.59 18.34 -5.50
CA LYS A 215 -1.42 17.65 -6.77
C LYS A 215 -1.86 16.20 -6.67
N MET A 216 -1.55 15.57 -5.54
CA MET A 216 -1.91 14.18 -5.37
C MET A 216 -3.42 13.98 -5.47
N VAL A 217 -4.18 14.75 -4.72
CA VAL A 217 -5.62 14.58 -4.78
C VAL A 217 -6.11 14.66 -6.22
N TRP A 218 -5.56 15.58 -7.00
CA TRP A 218 -5.98 15.69 -8.39
C TRP A 218 -5.62 14.39 -9.09
N GLU A 219 -4.35 14.01 -8.96
CA GLU A 219 -3.79 12.79 -9.55
C GLU A 219 -4.65 11.58 -9.20
N ILE A 220 -5.22 11.58 -8.01
CA ILE A 220 -6.04 10.47 -7.57
C ILE A 220 -7.42 10.49 -8.24
N LEU A 221 -8.10 11.63 -8.18
CA LEU A 221 -9.42 11.72 -8.78
C LEU A 221 -9.39 11.37 -10.26
N HIS A 222 -8.30 11.70 -10.93
CA HIS A 222 -8.15 11.41 -12.35
C HIS A 222 -7.25 10.23 -12.62
N GLN A 223 -6.94 9.46 -11.59
CA GLN A 223 -6.08 8.30 -11.72
C GLN A 223 -5.03 8.55 -12.79
N GLN A 224 -4.39 9.71 -12.71
CA GLN A 224 -3.38 10.09 -13.68
C GLN A 224 -2.37 11.01 -12.99
N LEU A 225 -1.11 10.59 -12.98
CA LEU A 225 -0.07 11.37 -12.35
C LEU A 225 0.32 12.55 -13.22
N LEU A 226 0.73 13.63 -12.57
CA LEU A 226 1.16 14.83 -13.28
C LEU A 226 2.68 14.89 -13.35
N GLU B 3 -26.42 -20.93 0.72
CA GLU B 3 -25.21 -21.00 1.60
C GLU B 3 -24.34 -22.20 1.24
N TYR B 4 -23.33 -21.97 0.42
CA TYR B 4 -22.45 -23.04 -0.01
C TYR B 4 -21.14 -23.19 0.77
N ILE B 5 -20.41 -22.09 0.96
CA ILE B 5 -19.14 -22.18 1.68
C ILE B 5 -19.14 -21.60 3.10
N LYS B 6 -18.18 -22.08 3.88
CA LYS B 6 -17.98 -21.67 5.25
C LYS B 6 -16.58 -21.05 5.33
N LEU B 7 -16.54 -19.75 5.67
CA LEU B 7 -15.29 -19.02 5.75
C LEU B 7 -14.93 -18.62 7.18
N LYS B 8 -13.65 -18.35 7.39
CA LYS B 8 -13.14 -17.94 8.68
C LYS B 8 -12.58 -16.52 8.57
N VAL B 9 -13.32 -15.55 9.08
CA VAL B 9 -12.87 -14.17 9.02
C VAL B 9 -12.01 -13.82 10.24
N ILE B 10 -10.69 -14.00 10.11
CA ILE B 10 -9.77 -13.72 11.20
C ILE B 10 -9.29 -12.27 11.21
N GLY B 11 -8.98 -11.77 12.40
CA GLY B 11 -8.52 -10.40 12.55
C GLY B 11 -7.13 -10.31 13.15
N GLN B 12 -6.54 -9.13 13.11
CA GLN B 12 -5.20 -8.90 13.64
C GLN B 12 -4.94 -9.40 15.06
N ASP B 13 -5.97 -9.36 15.91
CA ASP B 13 -5.82 -9.81 17.29
C ASP B 13 -6.22 -11.28 17.46
N SER B 14 -6.29 -12.00 16.34
CA SER B 14 -6.63 -13.42 16.33
C SER B 14 -8.12 -13.70 16.43
N SER B 15 -8.91 -12.65 16.59
CA SER B 15 -10.35 -12.81 16.69
C SER B 15 -10.97 -13.43 15.43
N GLU B 16 -11.37 -14.70 15.56
CA GLU B 16 -12.02 -15.44 14.46
C GLU B 16 -13.52 -15.27 14.51
N ILE B 17 -14.16 -15.55 13.38
CA ILE B 17 -15.60 -15.49 13.24
C ILE B 17 -15.94 -16.24 11.95
N HIS B 18 -16.71 -17.31 12.10
CA HIS B 18 -17.12 -18.14 10.97
C HIS B 18 -18.36 -17.60 10.25
N PHE B 19 -18.42 -17.85 8.95
CA PHE B 19 -19.54 -17.42 8.13
C PHE B 19 -19.87 -18.45 7.07
N LYS B 20 -21.15 -18.68 6.87
CA LYS B 20 -21.63 -19.62 5.86
C LYS B 20 -22.17 -18.68 4.81
N VAL B 21 -21.60 -18.73 3.61
CA VAL B 21 -22.06 -17.85 2.56
C VAL B 21 -22.35 -18.51 1.22
N LYS B 22 -23.18 -17.81 0.47
CA LYS B 22 -23.61 -18.20 -0.85
C LYS B 22 -22.58 -17.72 -1.85
N MET B 23 -21.90 -18.67 -2.47
CA MET B 23 -20.87 -18.35 -3.46
C MET B 23 -21.45 -17.43 -4.52
N THR B 24 -22.77 -17.51 -4.69
CA THR B 24 -23.53 -16.71 -5.63
C THR B 24 -23.54 -15.24 -5.24
N THR B 25 -23.33 -14.93 -3.95
CA THR B 25 -23.41 -13.54 -3.52
C THR B 25 -22.19 -12.67 -3.23
N HIS B 26 -22.42 -11.36 -3.36
CA HIS B 26 -21.42 -10.33 -3.10
C HIS B 26 -20.92 -10.53 -1.69
N LEU B 27 -19.71 -10.06 -1.41
CA LEU B 27 -19.16 -10.22 -0.07
C LEU B 27 -19.46 -9.04 0.82
N LYS B 28 -19.99 -7.97 0.23
CA LYS B 28 -20.36 -6.77 0.98
C LYS B 28 -21.17 -7.20 2.18
N LYS B 29 -22.13 -8.09 1.95
CA LYS B 29 -23.00 -8.59 3.00
C LYS B 29 -22.18 -9.17 4.15
N LEU B 30 -21.21 -10.02 3.81
CA LEU B 30 -20.38 -10.64 4.82
C LEU B 30 -19.64 -9.62 5.65
N LYS B 31 -19.25 -8.52 5.01
CA LYS B 31 -18.54 -7.45 5.70
C LYS B 31 -19.46 -6.71 6.65
N GLU B 32 -20.60 -6.26 6.14
CA GLU B 32 -21.56 -5.52 6.95
C GLU B 32 -21.84 -6.26 8.25
N SER B 33 -22.12 -7.56 8.16
CA SER B 33 -22.39 -8.34 9.35
C SER B 33 -21.15 -8.41 10.26
N TYR B 34 -19.96 -8.64 9.68
CA TYR B 34 -18.76 -8.69 10.50
C TYR B 34 -18.61 -7.35 11.19
N CYS B 35 -18.89 -6.28 10.45
CA CYS B 35 -18.77 -4.93 10.99
C CYS B 35 -19.58 -4.69 12.25
N GLN B 36 -20.85 -5.11 12.24
CA GLN B 36 -21.72 -4.95 13.40
C GLN B 36 -21.46 -6.02 14.45
N ARG B 37 -21.34 -7.27 14.00
CA ARG B 37 -21.07 -8.35 14.94
C ARG B 37 -19.84 -7.99 15.75
N GLN B 38 -19.21 -6.88 15.38
CA GLN B 38 -18.02 -6.38 16.06
C GLN B 38 -18.25 -4.95 16.53
N GLY B 39 -19.18 -4.27 15.87
CA GLY B 39 -19.49 -2.91 16.21
C GLY B 39 -18.40 -1.95 15.78
N VAL B 40 -17.91 -2.15 14.55
CA VAL B 40 -16.84 -1.31 14.02
C VAL B 40 -17.31 -0.67 12.71
N PRO B 41 -17.09 0.65 12.56
CA PRO B 41 -17.51 1.32 11.33
C PRO B 41 -16.92 0.66 10.10
N MET B 42 -17.73 0.56 9.05
CA MET B 42 -17.32 -0.07 7.79
C MET B 42 -15.92 0.38 7.33
N ASN B 43 -15.84 1.64 6.93
CA ASN B 43 -14.63 2.28 6.45
C ASN B 43 -13.38 2.09 7.31
N SER B 44 -13.52 1.71 8.57
CA SER B 44 -12.33 1.53 9.41
C SER B 44 -11.71 0.15 9.21
N LEU B 45 -12.31 -0.66 8.34
CA LEU B 45 -11.81 -2.00 8.11
C LEU B 45 -11.47 -2.34 6.68
N ARG B 46 -10.60 -3.33 6.53
CA ARG B 46 -10.16 -3.77 5.21
C ARG B 46 -10.05 -5.29 5.18
N PHE B 47 -10.76 -5.90 4.25
CA PHE B 47 -10.74 -7.35 4.10
C PHE B 47 -9.90 -7.77 2.91
N LEU B 48 -9.04 -8.74 3.15
CA LEU B 48 -8.15 -9.25 2.13
C LEU B 48 -8.18 -10.77 2.07
N PHE B 49 -7.97 -11.30 0.88
CA PHE B 49 -7.91 -12.74 0.69
C PHE B 49 -6.60 -13.03 -0.03
N GLU B 50 -5.65 -13.56 0.72
CA GLU B 50 -4.35 -13.89 0.17
C GLU B 50 -3.62 -12.65 -0.32
N GLY B 51 -3.76 -11.55 0.41
CA GLY B 51 -3.12 -10.31 0.05
C GLY B 51 -3.93 -9.45 -0.90
N GLN B 52 -5.00 -10.02 -1.46
CA GLN B 52 -5.83 -9.28 -2.40
C GLN B 52 -7.03 -8.65 -1.68
N ARG B 53 -7.24 -7.35 -1.85
CA ARG B 53 -8.35 -6.68 -1.19
C ARG B 53 -9.65 -7.14 -1.79
N ILE B 54 -10.60 -7.44 -0.92
CA ILE B 54 -11.92 -7.93 -1.33
C ILE B 54 -12.88 -6.77 -1.53
N ALA B 55 -13.23 -6.51 -2.79
CA ALA B 55 -14.17 -5.45 -3.11
C ALA B 55 -15.55 -5.84 -2.60
N ASP B 56 -16.52 -4.93 -2.70
CA ASP B 56 -17.87 -5.22 -2.25
C ASP B 56 -18.58 -6.23 -3.15
N ASN B 57 -18.67 -5.92 -4.43
CA ASN B 57 -19.33 -6.82 -5.36
C ASN B 57 -18.53 -8.08 -5.64
N HIS B 58 -17.38 -8.21 -4.99
CA HIS B 58 -16.55 -9.39 -5.18
C HIS B 58 -17.31 -10.63 -4.73
N THR B 59 -16.88 -11.81 -5.17
CA THR B 59 -17.57 -13.04 -4.82
C THR B 59 -16.70 -14.26 -4.51
N PRO B 60 -17.18 -15.11 -3.60
CA PRO B 60 -16.43 -16.31 -3.22
C PRO B 60 -16.01 -17.12 -4.44
N LYS B 61 -16.93 -17.25 -5.40
CA LYS B 61 -16.65 -18.01 -6.62
C LYS B 61 -15.60 -17.30 -7.45
N GLU B 62 -15.70 -15.97 -7.50
CA GLU B 62 -14.75 -15.15 -8.25
C GLU B 62 -13.35 -15.29 -7.72
N LEU B 63 -13.21 -15.13 -6.42
CA LEU B 63 -11.92 -15.22 -5.77
C LEU B 63 -11.47 -16.66 -5.69
N GLY B 64 -12.38 -17.58 -5.97
CA GLY B 64 -12.07 -19.00 -5.93
C GLY B 64 -11.65 -19.46 -4.53
N MET B 65 -12.55 -19.28 -3.58
CA MET B 65 -12.24 -19.66 -2.21
C MET B 65 -12.76 -21.07 -1.92
N GLU B 66 -11.86 -21.96 -1.51
CA GLU B 66 -12.24 -23.31 -1.16
C GLU B 66 -12.83 -23.31 0.25
N GLU B 67 -13.34 -24.44 0.71
CA GLU B 67 -13.93 -24.51 2.04
C GLU B 67 -12.97 -24.11 3.15
N GLU B 68 -13.51 -23.51 4.20
CA GLU B 68 -12.75 -23.07 5.38
C GLU B 68 -11.60 -22.12 5.08
N ASP B 69 -11.75 -21.29 4.04
CA ASP B 69 -10.69 -20.35 3.70
C ASP B 69 -10.71 -19.18 4.65
N VAL B 70 -9.56 -18.56 4.83
CA VAL B 70 -9.44 -17.43 5.72
C VAL B 70 -9.54 -16.10 4.98
N ILE B 71 -10.32 -15.19 5.56
CA ILE B 71 -10.42 -13.86 5.01
C ILE B 71 -9.81 -13.02 6.11
N GLU B 72 -8.66 -12.42 5.84
CA GLU B 72 -7.97 -11.61 6.82
C GLU B 72 -8.53 -10.18 6.90
N VAL B 73 -8.60 -9.66 8.12
CA VAL B 73 -9.10 -8.31 8.36
C VAL B 73 -8.01 -7.42 8.94
N TYR B 74 -7.87 -6.23 8.36
CA TYR B 74 -6.86 -5.29 8.81
C TYR B 74 -7.49 -3.95 9.16
N GLN B 75 -6.79 -3.19 10.00
CA GLN B 75 -7.30 -1.90 10.43
C GLN B 75 -6.61 -0.79 9.69
N GLU B 76 -7.33 0.31 9.51
CA GLU B 76 -6.81 1.49 8.85
C GLU B 76 -5.45 1.83 9.41
N GLN B 77 -4.54 2.26 8.56
CA GLN B 77 -3.21 2.66 9.02
C GLN B 77 -3.05 4.15 8.76
N THR B 78 -2.21 4.78 9.57
CA THR B 78 -1.92 6.21 9.42
C THR B 78 -0.54 6.45 9.99
N GLY B 79 0.10 7.50 9.50
CA GLY B 79 1.43 7.79 9.98
C GLY B 79 1.71 9.25 9.76
N GLY B 80 2.68 9.77 10.49
CA GLY B 80 3.03 11.16 10.33
C GLY B 80 4.44 11.33 9.80
S SO4 C . -11.53 -1.86 -10.34
O1 SO4 C . -10.27 -1.79 -11.10
O2 SO4 C . -12.63 -1.22 -11.10
O3 SO4 C . -11.35 -1.14 -9.07
O4 SO4 C . -11.88 -3.27 -10.05
S SO4 D . 8.55 0.08 14.60
O1 SO4 D . 9.50 0.00 13.47
O2 SO4 D . 7.23 -0.40 14.15
O3 SO4 D . 8.44 1.49 15.02
O4 SO4 D . 9.04 -0.76 15.70
S SO4 E . 22.23 4.75 -6.30
O1 SO4 E . 23.24 5.31 -7.22
O2 SO4 E . 22.37 5.37 -4.97
O3 SO4 E . 22.44 3.29 -6.18
O4 SO4 E . 20.87 5.01 -6.84
S SO4 F . -20.98 11.57 6.66
O1 SO4 F . -19.74 12.35 6.50
O2 SO4 F . -20.74 10.15 6.33
O3 SO4 F . -22.02 12.12 5.77
O4 SO4 F . -21.43 11.68 8.07
S SO4 G . -17.66 -2.76 -6.10
O1 SO4 G . -16.70 -1.66 -6.29
O2 SO4 G . -17.06 -3.80 -5.24
O3 SO4 G . -18.00 -3.34 -7.42
O4 SO4 G . -18.88 -2.23 -5.47
#